data_6BXJ
#
_entry.id   6BXJ
#
_cell.length_a   55.460
_cell.length_b   125.290
_cell.length_c   70.020
_cell.angle_alpha   90.000
_cell.angle_beta   112.950
_cell.angle_gamma   90.000
#
_symmetry.space_group_name_H-M   'P 1 21 1'
#
loop_
_entity.id
_entity.type
_entity.pdbx_description
1 polymer 'Chimera protein of Integrin beta-3 and Integrin alpha-L'
2 non-polymer 'MAGNESIUM ION'
3 non-polymer 2-acetamido-2-deoxy-beta-D-glucopyranose
4 water water
#
_entity_poly.entity_id   1
_entity_poly.type   'polypeptide(L)'
_entity_poly.pdbx_seq_one_letter_code
;GPNICTTRGVSSCQQCLAVSPMCAWCSDEALPLGSPRCDLKENLLKDNCAPESIEFPVSEARVLEDRPLSDKGSGDSSQV
TQVSPQRIALRLRPDDSKNFSIQVRQVEDGNVDLVFLFDGSMSLQPDEFQKILDFMKDVMKKLSNTSYQFAAVQFSTSYK
TEFDFSDYVKWKDPDALLKHVKHMLLLTNTFGAINYVATEVFREELGARPDATKVLIIITDGEATDSGNIDAAKDIIRYI
IGIGKHFQTKESQETLHKFASKPASEFVKILDTFEKLKDLFTELQKKIRSKVELEVRDLPEELSLSFNATCLNNEVIPGL
KSCMGLKIGDTVSFSIEAKVRGCPQEKEKSFTIKPVGFKDSLIVQVTFDCDCACQAQAEPNSHRCNNGNGTFECGVCRCG
PGWLGSQCECSEEDYRPSQQDECSPREGQPVCSQRGECLCGQCVCHSSDFGKITGKYCECDDFSCVRYKGEMCSGHGQCS
CGDCLCDSDWTGYYCNCTTRTDTCMSSNGLLCSGRGKCECGSCVCIQPGSYGDTCEKCPTCPDACTFKKECVECKKFDRG
ALHDENTCNRYCRDEIESVKELKDTGKDAVNCTYKNEDDCVVRFQYYEDSSGKSILYVVEEPECP
;
_entity_poly.pdbx_strand_id   A
#
# COMPACT_ATOMS: atom_id res chain seq x y z
N GLY A 1 33.56 -10.72 21.70
CA GLY A 1 33.40 -12.15 21.64
C GLY A 1 32.96 -12.66 20.29
N PRO A 2 32.28 -13.80 20.26
CA PRO A 2 31.79 -14.35 18.99
C PRO A 2 30.87 -13.37 18.26
N ASN A 3 30.81 -13.54 16.94
CA ASN A 3 30.10 -12.59 16.07
C ASN A 3 29.90 -13.23 14.70
N ILE A 4 28.70 -13.11 14.13
CA ILE A 4 28.38 -13.85 12.92
C ILE A 4 29.23 -13.40 11.74
N CYS A 5 29.80 -12.20 11.79
CA CYS A 5 30.79 -11.84 10.77
C CYS A 5 32.03 -12.73 10.87
N THR A 6 32.34 -13.21 12.08
CA THR A 6 33.49 -14.06 12.31
C THR A 6 33.17 -15.55 12.33
N THR A 7 31.91 -15.92 12.62
CA THR A 7 31.53 -17.32 12.78
C THR A 7 30.89 -17.90 11.52
N ARG A 8 31.30 -17.42 10.34
CA ARG A 8 30.79 -17.95 9.08
C ARG A 8 31.88 -18.44 8.15
N GLY A 9 33.15 -18.37 8.55
CA GLY A 9 34.24 -18.87 7.72
C GLY A 9 34.41 -18.13 6.42
N VAL A 10 34.29 -16.80 6.45
CA VAL A 10 34.43 -15.99 5.25
C VAL A 10 35.91 -15.86 4.91
N SER A 11 36.23 -15.97 3.61
CA SER A 11 37.61 -15.95 3.15
C SER A 11 37.80 -14.94 2.02
N SER A 12 37.00 -13.88 2.02
CA SER A 12 37.12 -12.83 1.02
C SER A 12 36.38 -11.59 1.53
N CYS A 13 36.62 -10.47 0.86
CA CYS A 13 35.93 -9.24 1.23
C CYS A 13 34.47 -9.28 0.77
N GLN A 14 34.21 -9.81 -0.42
CA GLN A 14 32.84 -9.86 -0.94
C GLN A 14 31.96 -10.79 -0.12
N GLN A 15 32.50 -11.96 0.25
CA GLN A 15 31.77 -12.85 1.16
C GLN A 15 31.46 -12.14 2.47
N CYS A 16 32.42 -11.39 3.00
CA CYS A 16 32.23 -10.71 4.28
C CYS A 16 31.09 -9.71 4.21
N LEU A 17 31.00 -8.96 3.11
CA LEU A 17 29.89 -8.02 2.98
C LEU A 17 28.56 -8.74 2.82
N ALA A 18 28.55 -9.92 2.20
CA ALA A 18 27.32 -10.62 1.89
C ALA A 18 26.73 -11.34 3.10
N VAL A 19 27.46 -11.49 4.20
CA VAL A 19 26.93 -12.24 5.32
C VAL A 19 25.95 -11.40 6.13
N SER A 20 26.20 -10.10 6.25
CA SER A 20 25.29 -9.21 6.99
C SER A 20 25.62 -7.77 6.64
N PRO A 21 24.62 -6.88 6.62
CA PRO A 21 24.91 -5.45 6.37
C PRO A 21 25.69 -4.77 7.47
N MET A 22 25.84 -5.40 8.63
CA MET A 22 26.58 -4.80 9.73
C MET A 22 28.06 -5.13 9.70
N CYS A 23 28.50 -6.02 8.83
CA CYS A 23 29.88 -6.47 8.83
C CYS A 23 30.78 -5.51 8.06
N ALA A 24 32.02 -5.41 8.53
CA ALA A 24 33.05 -4.63 7.86
C ALA A 24 34.28 -5.51 7.66
N TRP A 25 35.10 -5.14 6.69
CA TRP A 25 36.28 -5.91 6.31
C TRP A 25 37.53 -5.06 6.44
N CYS A 26 38.53 -5.58 7.15
CA CYS A 26 39.82 -4.91 7.31
C CYS A 26 40.79 -5.48 6.28
N SER A 27 41.49 -4.59 5.57
CA SER A 27 42.34 -5.00 4.46
C SER A 27 43.78 -4.50 4.53
N ASP A 28 44.17 -3.80 5.59
CA ASP A 28 45.56 -3.37 5.69
C ASP A 28 46.46 -4.59 5.90
N GLU A 29 47.60 -4.59 5.20
CA GLU A 29 48.46 -5.77 5.21
C GLU A 29 49.16 -5.94 6.56
N ALA A 30 49.63 -4.85 7.15
CA ALA A 30 50.29 -4.91 8.45
C ALA A 30 49.29 -5.14 9.56
N LEU A 31 48.66 -6.33 9.57
CA LEU A 31 47.63 -6.69 10.52
C LEU A 31 48.03 -7.97 11.26
N PRO A 32 47.72 -8.07 12.55
CA PRO A 32 48.01 -9.32 13.27
C PRO A 32 47.30 -10.51 12.64
N LEU A 33 47.95 -11.67 12.73
CA LEU A 33 47.46 -12.84 12.01
C LEU A 33 46.21 -13.41 12.67
N GLY A 34 46.25 -13.61 13.99
CA GLY A 34 45.11 -14.19 14.69
C GLY A 34 43.88 -13.32 14.78
N SER A 35 43.90 -12.13 14.17
CA SER A 35 42.77 -11.21 14.23
C SER A 35 41.78 -11.49 13.11
N PRO A 36 40.49 -11.49 13.42
CA PRO A 36 39.48 -11.64 12.37
C PRO A 36 39.45 -10.40 11.47
N ARG A 37 39.39 -10.62 10.15
CA ARG A 37 39.32 -9.51 9.22
C ARG A 37 37.89 -9.12 8.89
N CYS A 38 36.93 -10.00 9.11
CA CYS A 38 35.51 -9.69 8.94
C CYS A 38 34.89 -9.56 10.32
N ASP A 39 34.53 -8.34 10.70
CA ASP A 39 34.03 -8.07 12.05
C ASP A 39 33.25 -6.76 12.01
N LEU A 40 32.65 -6.41 13.14
CA LEU A 40 32.04 -5.10 13.27
C LEU A 40 33.11 -4.02 13.12
N LYS A 41 32.71 -2.87 12.57
CA LYS A 41 33.66 -1.78 12.38
C LYS A 41 34.27 -1.33 13.70
N GLU A 42 33.52 -1.44 14.80
CA GLU A 42 34.06 -1.10 16.11
C GLU A 42 35.13 -2.11 16.54
N ASN A 43 34.78 -3.39 16.54
CA ASN A 43 35.76 -4.42 16.88
C ASN A 43 36.89 -4.47 15.88
N LEU A 44 36.62 -4.12 14.62
CA LEU A 44 37.67 -4.01 13.63
C LEU A 44 38.65 -2.88 13.98
N LEU A 45 38.23 -1.94 14.80
CA LEU A 45 39.10 -0.88 15.31
C LEU A 45 39.55 -1.13 16.74
N LYS A 46 38.97 -2.12 17.43
CA LYS A 46 39.52 -2.54 18.71
C LYS A 46 40.97 -2.98 18.55
N ASP A 47 41.21 -3.81 17.54
CA ASP A 47 42.56 -4.04 17.04
C ASP A 47 42.84 -3.00 15.95
N ASN A 48 44.07 -2.47 15.96
CA ASN A 48 44.41 -1.37 15.08
C ASN A 48 44.32 -1.76 13.60
N CYS A 49 43.26 -1.31 12.93
CA CYS A 49 43.13 -1.46 11.49
C CYS A 49 43.24 -0.08 10.84
N ALA A 50 43.93 -0.04 9.71
CA ALA A 50 44.10 1.23 9.01
C ALA A 50 42.75 1.75 8.55
N PRO A 51 42.41 3.01 8.84
CA PRO A 51 41.07 3.51 8.48
C PRO A 51 40.82 3.54 6.98
N GLU A 52 41.88 3.73 6.18
CA GLU A 52 41.74 3.73 4.73
C GLU A 52 41.57 2.34 4.15
N SER A 53 41.69 1.28 4.97
CA SER A 53 41.57 -0.08 4.50
C SER A 53 40.27 -0.76 4.92
N ILE A 54 39.55 -0.21 5.90
CA ILE A 54 38.27 -0.79 6.30
C ILE A 54 37.26 -0.58 5.18
N GLU A 55 36.72 -1.69 4.66
CA GLU A 55 35.74 -1.67 3.59
C GLU A 55 34.36 -1.87 4.22
N PHE A 56 33.52 -0.84 4.15
CA PHE A 56 32.23 -0.86 4.84
C PHE A 56 31.24 0.01 4.10
N PRO A 57 30.51 -0.56 3.14
CA PRO A 57 29.53 0.23 2.39
C PRO A 57 28.34 0.63 3.25
N VAL A 58 27.77 1.79 2.94
CA VAL A 58 26.58 2.30 3.60
C VAL A 58 25.50 2.50 2.55
N SER A 59 24.33 1.94 2.80
CA SER A 59 23.20 2.14 1.90
C SER A 59 22.67 3.56 2.00
N GLU A 60 22.11 4.05 0.89
CA GLU A 60 21.65 5.43 0.83
C GLU A 60 20.39 5.53 -0.01
N ALA A 61 19.56 6.51 0.33
CA ALA A 61 18.39 6.91 -0.44
C ALA A 61 18.58 8.37 -0.81
N ARG A 62 19.26 8.61 -1.93
CA ARG A 62 19.69 9.94 -2.34
C ARG A 62 18.58 10.63 -3.13
N VAL A 63 18.02 11.71 -2.57
CA VAL A 63 17.02 12.49 -3.28
C VAL A 63 17.67 13.21 -4.45
N LEU A 64 17.09 13.06 -5.64
CA LEU A 64 17.59 13.68 -6.85
C LEU A 64 16.72 14.83 -7.32
N GLU A 65 15.41 14.59 -7.52
CA GLU A 65 14.47 15.62 -7.93
C GLU A 65 13.53 15.91 -6.78
N ASP A 66 13.49 17.16 -6.33
CA ASP A 66 12.74 17.55 -5.16
C ASP A 66 12.02 18.88 -5.38
N ARG A 67 11.33 18.99 -6.52
CA ARG A 67 10.43 20.12 -6.73
C ARG A 67 9.42 20.16 -5.58
N PRO A 68 9.19 21.32 -4.97
CA PRO A 68 8.30 21.36 -3.80
C PRO A 68 6.85 21.21 -4.20
N LEU A 69 6.05 20.72 -3.26
CA LEU A 69 4.61 20.61 -3.48
C LEU A 69 4.03 22.00 -3.73
N SER A 70 3.15 22.07 -4.73
CA SER A 70 2.60 23.35 -5.16
C SER A 70 1.62 23.88 -4.12
N ASP A 71 1.74 25.17 -3.80
CA ASP A 71 0.81 25.81 -2.88
C ASP A 71 -0.46 26.22 -3.60
N LYS A 72 -0.64 27.53 -3.86
CA LYS A 72 -1.85 28.06 -4.49
C LYS A 72 -1.47 28.96 -5.66
N GLY A 73 -0.90 28.36 -6.70
CA GLY A 73 -0.69 29.06 -7.96
C GLY A 73 -1.94 28.95 -8.84
N SER A 74 -2.32 30.07 -9.43
CA SER A 74 -3.61 30.18 -10.13
C SER A 74 -3.50 30.00 -11.64
N GLY A 75 -2.46 30.56 -12.27
CA GLY A 75 -2.32 30.46 -13.71
C GLY A 75 -1.62 29.22 -14.21
N ASP A 76 -1.33 28.27 -13.33
CA ASP A 76 -0.57 27.06 -13.66
C ASP A 76 0.77 27.40 -14.31
N SER A 77 1.33 28.55 -13.94
CA SER A 77 2.70 28.87 -14.30
C SER A 77 3.65 28.16 -13.34
N SER A 78 4.81 27.75 -13.87
CA SER A 78 5.79 26.89 -13.22
C SER A 78 5.26 25.48 -12.99
N GLN A 79 4.03 25.19 -13.40
CA GLN A 79 3.41 23.85 -13.37
C GLN A 79 3.18 23.34 -11.96
N VAL A 80 2.23 22.41 -11.82
CA VAL A 80 1.75 21.92 -10.54
C VAL A 80 2.50 20.66 -10.16
N THR A 81 2.93 20.58 -8.90
CA THR A 81 3.61 19.42 -8.35
C THR A 81 2.78 18.87 -7.20
N GLN A 82 2.29 17.64 -7.35
CA GLN A 82 1.45 17.01 -6.34
C GLN A 82 2.10 15.83 -5.65
N VAL A 83 3.32 15.44 -6.05
CA VAL A 83 4.10 14.41 -5.38
C VAL A 83 5.54 14.92 -5.26
N SER A 84 6.13 14.77 -4.07
CA SER A 84 7.50 15.17 -3.83
C SER A 84 8.12 14.22 -2.81
N PRO A 85 9.38 13.79 -3.02
CA PRO A 85 10.21 14.11 -4.19
C PRO A 85 9.74 13.35 -5.43
N GLN A 86 10.35 13.64 -6.58
CA GLN A 86 9.94 12.98 -7.82
C GLN A 86 10.90 11.88 -8.27
N ARG A 87 12.14 11.89 -7.79
CA ARG A 87 13.11 10.88 -8.18
C ARG A 87 14.13 10.68 -7.08
N ILE A 88 14.37 9.42 -6.71
CA ILE A 88 15.30 9.05 -5.66
C ILE A 88 16.25 7.99 -6.18
N ALA A 89 17.52 8.05 -5.76
CA ALA A 89 18.49 7.02 -6.09
C ALA A 89 18.71 6.17 -4.83
N LEU A 90 18.31 4.91 -4.91
CA LEU A 90 18.42 3.98 -3.78
C LEU A 90 19.56 3.01 -4.05
N ARG A 91 20.56 3.00 -3.17
CA ARG A 91 21.69 2.09 -3.29
C ARG A 91 21.76 1.23 -2.04
N LEU A 92 21.74 -0.08 -2.24
CA LEU A 92 21.65 -1.04 -1.14
C LEU A 92 22.81 -2.02 -1.19
N ARG A 93 23.44 -2.25 -0.05
CA ARG A 93 24.38 -3.35 0.12
C ARG A 93 23.59 -4.64 0.32
N PRO A 94 24.25 -5.80 0.26
CA PRO A 94 23.51 -7.07 0.33
C PRO A 94 22.57 -7.17 1.53
N ASP A 95 21.34 -7.59 1.25
CA ASP A 95 20.29 -7.88 2.23
C ASP A 95 19.90 -6.68 3.07
N ASP A 96 20.35 -5.47 2.72
CA ASP A 96 20.12 -4.32 3.54
C ASP A 96 18.74 -3.71 3.28
N SER A 97 18.34 -2.82 4.17
CA SER A 97 17.11 -2.04 4.02
C SER A 97 17.41 -0.56 4.22
N LYS A 98 16.53 0.29 3.70
CA LYS A 98 16.78 1.73 3.75
C LYS A 98 15.46 2.49 3.72
N ASN A 99 15.36 3.52 4.54
CA ASN A 99 14.17 4.36 4.61
C ASN A 99 14.22 5.47 3.56
N PHE A 100 13.04 5.84 3.09
CA PHE A 100 12.82 7.09 2.36
C PHE A 100 11.35 7.44 2.51
N SER A 101 10.97 8.62 2.03
CA SER A 101 9.62 9.10 2.24
C SER A 101 9.10 9.83 1.02
N ILE A 102 7.77 9.96 0.96
CA ILE A 102 7.06 10.58 -0.15
C ILE A 102 5.94 11.42 0.43
N GLN A 103 5.77 12.63 -0.13
N GLN A 103 5.78 12.63 -0.11
CA GLN A 103 4.72 13.54 0.28
CA GLN A 103 4.71 13.54 0.29
C GLN A 103 3.77 13.76 -0.89
C GLN A 103 3.77 13.78 -0.88
N VAL A 104 2.47 13.70 -0.61
CA VAL A 104 1.44 13.86 -1.62
C VAL A 104 0.47 14.94 -1.17
N ARG A 105 0.05 15.78 -2.12
CA ARG A 105 -0.89 16.86 -1.84
C ARG A 105 -1.81 17.03 -3.04
N GLN A 106 -3.12 17.05 -2.78
CA GLN A 106 -4.09 17.38 -3.82
C GLN A 106 -4.17 18.90 -3.92
N VAL A 107 -3.63 19.46 -5.00
CA VAL A 107 -3.54 20.90 -5.18
C VAL A 107 -4.85 21.40 -5.77
N GLU A 108 -5.36 22.50 -5.20
CA GLU A 108 -6.65 23.03 -5.60
C GLU A 108 -6.73 23.29 -7.10
N ASP A 109 -5.71 23.94 -7.64
CA ASP A 109 -5.70 24.33 -9.05
C ASP A 109 -5.15 23.25 -9.97
N GLY A 110 -4.90 22.05 -9.46
CA GLY A 110 -4.47 20.96 -10.32
C GLY A 110 -5.56 20.58 -11.31
N ASN A 111 -5.14 20.22 -12.52
CA ASN A 111 -6.09 19.90 -13.57
C ASN A 111 -6.86 18.62 -13.24
N VAL A 112 -8.15 18.63 -13.57
CA VAL A 112 -9.02 17.47 -13.41
C VAL A 112 -9.79 17.27 -14.70
N ASP A 113 -9.63 16.10 -15.32
CA ASP A 113 -10.47 15.68 -16.44
C ASP A 113 -11.58 14.81 -15.87
N LEU A 114 -12.81 15.30 -15.94
CA LEU A 114 -13.97 14.62 -15.35
C LEU A 114 -14.91 14.18 -16.45
N VAL A 115 -15.32 12.91 -16.40
CA VAL A 115 -16.24 12.33 -17.37
C VAL A 115 -17.53 11.97 -16.66
N PHE A 116 -18.64 12.52 -17.13
CA PHE A 116 -19.95 12.05 -16.72
C PHE A 116 -20.32 10.82 -17.54
N LEU A 117 -20.64 9.72 -16.86
CA LEU A 117 -21.16 8.52 -17.50
C LEU A 117 -22.57 8.32 -16.98
N PHE A 118 -23.58 8.63 -17.80
CA PHE A 118 -24.94 8.69 -17.31
C PHE A 118 -25.85 7.66 -17.97
N ASP A 119 -26.64 6.99 -17.12
CA ASP A 119 -27.56 5.93 -17.50
C ASP A 119 -28.66 6.45 -18.41
N GLY A 120 -28.90 5.76 -19.51
CA GLY A 120 -29.99 6.11 -20.40
C GLY A 120 -30.95 4.96 -20.63
N SER A 121 -31.18 4.16 -19.59
CA SER A 121 -31.92 2.92 -19.73
C SER A 121 -33.43 3.18 -19.85
N MET A 122 -34.15 2.12 -20.22
CA MET A 122 -35.58 2.19 -20.50
C MET A 122 -36.42 2.36 -19.24
N SER A 123 -35.83 2.22 -18.05
CA SER A 123 -36.58 2.44 -16.82
C SER A 123 -36.87 3.91 -16.59
N LEU A 124 -36.03 4.80 -17.12
CA LEU A 124 -36.08 6.21 -16.79
C LEU A 124 -37.26 6.90 -17.46
N GLN A 125 -38.02 7.64 -16.66
CA GLN A 125 -39.06 8.50 -17.19
C GLN A 125 -38.44 9.74 -17.84
N PRO A 126 -39.20 10.43 -18.69
CA PRO A 126 -38.64 11.64 -19.33
C PRO A 126 -38.12 12.67 -18.34
N ASP A 127 -38.86 12.92 -17.25
CA ASP A 127 -38.41 13.93 -16.29
C ASP A 127 -37.21 13.43 -15.49
N GLU A 128 -37.10 12.12 -15.27
CA GLU A 128 -35.94 11.59 -14.55
C GLU A 128 -34.68 11.68 -15.40
N PHE A 129 -34.77 11.32 -16.68
CA PHE A 129 -33.64 11.51 -17.59
C PHE A 129 -33.25 12.98 -17.66
N GLN A 130 -34.23 13.88 -17.67
CA GLN A 130 -33.95 15.31 -17.70
C GLN A 130 -33.29 15.78 -16.42
N LYS A 131 -33.65 15.19 -15.28
CA LYS A 131 -33.00 15.57 -14.02
C LYS A 131 -31.55 15.12 -13.99
N ILE A 132 -31.22 14.02 -14.68
CA ILE A 132 -29.83 13.60 -14.79
C ILE A 132 -29.05 14.59 -15.64
N LEU A 133 -29.66 15.06 -16.73
CA LEU A 133 -29.02 16.08 -17.56
C LEU A 133 -28.80 17.37 -16.78
N ASP A 134 -29.84 17.82 -16.06
CA ASP A 134 -29.72 19.05 -15.27
C ASP A 134 -28.65 18.93 -14.20
N PHE A 135 -28.44 17.72 -13.66
CA PHE A 135 -27.39 17.55 -12.65
C PHE A 135 -26.00 17.72 -13.26
N MET A 136 -25.78 17.13 -14.44
CA MET A 136 -24.50 17.32 -15.12
C MET A 136 -24.27 18.78 -15.45
N LYS A 137 -25.32 19.48 -15.92
CA LYS A 137 -25.21 20.91 -16.17
C LYS A 137 -24.89 21.68 -14.89
N ASP A 138 -25.51 21.29 -13.77
CA ASP A 138 -25.29 22.01 -12.52
C ASP A 138 -23.85 21.87 -12.05
N VAL A 139 -23.29 20.66 -12.14
CA VAL A 139 -21.90 20.46 -11.74
C VAL A 139 -20.97 21.32 -12.58
N MET A 140 -21.21 21.36 -13.89
CA MET A 140 -20.32 22.09 -14.78
C MET A 140 -20.41 23.60 -14.54
N LYS A 141 -21.62 24.11 -14.33
CA LYS A 141 -21.78 25.55 -14.09
C LYS A 141 -21.08 25.97 -12.81
N LYS A 142 -21.13 25.13 -11.78
CA LYS A 142 -20.48 25.47 -10.52
C LYS A 142 -18.97 25.29 -10.58
N LEU A 143 -18.45 24.60 -11.60
CA LEU A 143 -17.02 24.44 -11.80
C LEU A 143 -16.54 25.17 -13.05
N SER A 144 -17.28 26.18 -13.50
CA SER A 144 -16.86 26.94 -14.68
C SER A 144 -15.66 27.80 -14.35
N ASN A 145 -14.75 27.93 -15.32
CA ASN A 145 -13.53 28.72 -15.17
C ASN A 145 -12.68 28.23 -14.00
N THR A 146 -12.58 26.90 -13.87
CA THR A 146 -11.68 26.25 -12.93
C THR A 146 -10.74 25.32 -13.71
N SER A 147 -9.97 24.52 -12.99
CA SER A 147 -9.08 23.56 -13.64
C SER A 147 -9.82 22.30 -14.09
N TYR A 148 -11.12 22.23 -13.89
CA TYR A 148 -11.90 21.10 -14.35
C TYR A 148 -12.28 21.27 -15.82
N GLN A 149 -12.13 20.18 -16.58
CA GLN A 149 -12.67 20.09 -17.93
C GLN A 149 -13.44 18.80 -18.04
N PHE A 150 -14.43 18.78 -18.94
CA PHE A 150 -15.50 17.79 -18.86
C PHE A 150 -15.73 17.08 -20.19
N ALA A 151 -16.19 15.83 -20.07
CA ALA A 151 -16.79 15.07 -21.15
C ALA A 151 -17.98 14.32 -20.58
N ALA A 152 -18.90 13.92 -21.46
CA ALA A 152 -20.10 13.21 -21.03
C ALA A 152 -20.40 12.07 -21.97
N VAL A 153 -20.70 10.91 -21.41
CA VAL A 153 -20.99 9.69 -22.17
C VAL A 153 -22.33 9.14 -21.68
N GLN A 154 -23.26 8.93 -22.61
CA GLN A 154 -24.48 8.21 -22.29
C GLN A 154 -24.24 6.72 -22.53
N PHE A 155 -24.75 5.91 -21.62
CA PHE A 155 -24.67 4.46 -21.77
C PHE A 155 -26.01 3.82 -21.50
N SER A 156 -26.35 2.84 -22.32
CA SER A 156 -27.52 2.00 -22.13
C SER A 156 -27.15 0.59 -22.56
N THR A 157 -27.54 0.20 -23.78
CA THR A 157 -26.99 -1.01 -24.37
C THR A 157 -25.64 -0.74 -25.02
N SER A 158 -25.52 0.39 -25.72
CA SER A 158 -24.26 0.85 -26.28
C SER A 158 -23.91 2.21 -25.66
N TYR A 159 -22.84 2.80 -26.16
CA TYR A 159 -22.21 3.96 -25.53
C TYR A 159 -22.01 5.06 -26.56
N LYS A 160 -22.24 6.30 -26.13
CA LYS A 160 -22.13 7.45 -27.01
C LYS A 160 -21.50 8.62 -26.26
N THR A 161 -20.36 9.10 -26.76
CA THR A 161 -19.76 10.32 -26.24
C THR A 161 -20.59 11.51 -26.71
N GLU A 162 -21.33 12.12 -25.78
CA GLU A 162 -22.22 13.22 -26.16
C GLU A 162 -21.43 14.51 -26.40
N PHE A 163 -20.37 14.74 -25.64
CA PHE A 163 -19.38 15.77 -25.94
C PHE A 163 -18.07 15.39 -25.27
N ASP A 164 -16.96 15.83 -25.87
CA ASP A 164 -15.64 15.52 -25.34
C ASP A 164 -15.00 16.76 -24.74
N PHE A 165 -13.78 16.59 -24.22
CA PHE A 165 -13.09 17.68 -23.55
C PHE A 165 -12.85 18.85 -24.51
N SER A 166 -12.52 18.55 -25.76
CA SER A 166 -12.31 19.63 -26.73
C SER A 166 -13.60 20.43 -26.94
N ASP A 167 -14.74 19.75 -26.95
CA ASP A 167 -16.02 20.46 -27.04
C ASP A 167 -16.23 21.38 -25.85
N TYR A 168 -15.92 20.90 -24.65
CA TYR A 168 -16.15 21.72 -23.46
C TYR A 168 -15.28 22.97 -23.47
N VAL A 169 -13.99 22.79 -23.78
CA VAL A 169 -13.08 23.93 -23.78
C VAL A 169 -13.55 24.99 -24.78
N LYS A 170 -14.02 24.55 -25.94
CA LYS A 170 -14.41 25.49 -26.99
C LYS A 170 -15.71 26.20 -26.66
N TRP A 171 -16.74 25.44 -26.28
CA TRP A 171 -18.08 26.00 -26.17
C TRP A 171 -18.46 26.41 -24.75
N LYS A 172 -18.00 25.68 -23.73
CA LYS A 172 -18.18 26.04 -22.33
C LYS A 172 -19.62 25.96 -21.84
N ASP A 173 -20.61 26.16 -22.74
CA ASP A 173 -22.00 26.23 -22.32
C ASP A 173 -22.59 24.82 -22.14
N PRO A 174 -22.95 24.43 -20.92
CA PRO A 174 -23.51 23.09 -20.72
C PRO A 174 -24.81 22.87 -21.46
N ASP A 175 -25.64 23.90 -21.62
CA ASP A 175 -26.87 23.77 -22.39
C ASP A 175 -26.58 23.39 -23.84
N ALA A 176 -25.58 24.03 -24.45
CA ALA A 176 -25.25 23.72 -25.84
C ALA A 176 -24.59 22.36 -25.96
N LEU A 177 -23.77 21.98 -24.98
CA LEU A 177 -23.02 20.74 -25.05
C LEU A 177 -23.93 19.51 -24.97
N LEU A 178 -25.02 19.60 -24.21
CA LEU A 178 -25.93 18.48 -24.01
C LEU A 178 -27.25 18.64 -24.76
N LYS A 179 -27.31 19.59 -25.70
CA LYS A 179 -28.58 19.88 -26.36
C LYS A 179 -29.01 18.78 -27.32
N HIS A 180 -28.09 17.96 -27.80
CA HIS A 180 -28.37 16.97 -28.83
C HIS A 180 -28.54 15.55 -28.28
N VAL A 181 -28.61 15.40 -26.96
CA VAL A 181 -28.72 14.07 -26.36
C VAL A 181 -30.10 13.49 -26.64
N LYS A 182 -30.13 12.26 -27.13
CA LYS A 182 -31.35 11.49 -27.30
C LYS A 182 -31.33 10.32 -26.33
N HIS A 183 -32.40 10.20 -25.53
CA HIS A 183 -32.52 9.10 -24.58
C HIS A 183 -32.52 7.77 -25.31
N MET A 184 -31.57 6.90 -24.94
CA MET A 184 -31.40 5.64 -25.65
C MET A 184 -32.53 4.66 -25.36
N LEU A 185 -32.95 4.56 -24.09
CA LEU A 185 -34.10 3.76 -23.68
C LEU A 185 -33.86 2.27 -23.91
N LEU A 186 -32.70 1.78 -23.46
CA LEU A 186 -32.39 0.36 -23.59
C LEU A 186 -31.87 -0.20 -22.26
N LEU A 187 -30.78 -0.96 -22.30
CA LEU A 187 -30.33 -1.73 -21.15
C LEU A 187 -29.39 -0.89 -20.28
N THR A 188 -28.56 -1.56 -19.44
CA THR A 188 -27.69 -0.88 -18.47
C THR A 188 -26.33 -1.61 -18.43
N ASN A 189 -25.59 -1.55 -19.52
CA ASN A 189 -24.31 -2.25 -19.64
C ASN A 189 -23.20 -1.43 -18.98
N THR A 190 -23.19 -1.45 -17.65
CA THR A 190 -22.29 -0.60 -16.89
C THR A 190 -20.83 -1.01 -17.01
N PHE A 191 -20.55 -2.31 -17.12
CA PHE A 191 -19.18 -2.76 -17.31
C PHE A 191 -18.61 -2.23 -18.63
N GLY A 192 -19.31 -2.47 -19.74
CA GLY A 192 -18.83 -1.99 -21.02
C GLY A 192 -18.73 -0.48 -21.07
N ALA A 193 -19.63 0.21 -20.37
CA ALA A 193 -19.61 1.66 -20.35
C ALA A 193 -18.33 2.19 -19.70
N ILE A 194 -18.00 1.67 -18.52
CA ILE A 194 -16.80 2.12 -17.81
C ILE A 194 -15.55 1.76 -18.61
N ASN A 195 -15.53 0.57 -19.21
CA ASN A 195 -14.41 0.23 -20.09
C ASN A 195 -14.35 1.15 -21.30
N TYR A 196 -15.51 1.57 -21.81
CA TYR A 196 -15.54 2.52 -22.92
C TYR A 196 -14.92 3.84 -22.52
N VAL A 197 -15.29 4.36 -21.34
CA VAL A 197 -14.71 5.61 -20.85
C VAL A 197 -13.21 5.50 -20.71
N ALA A 198 -12.73 4.38 -20.18
CA ALA A 198 -11.30 4.25 -19.87
C ALA A 198 -10.46 4.29 -21.14
N THR A 199 -10.89 3.58 -22.18
CA THR A 199 -10.08 3.41 -23.37
C THR A 199 -10.44 4.35 -24.52
N GLU A 200 -11.66 4.90 -24.54
CA GLU A 200 -12.13 5.66 -25.68
C GLU A 200 -12.38 7.14 -25.42
N VAL A 201 -12.38 7.58 -24.16
CA VAL A 201 -12.76 8.95 -23.82
C VAL A 201 -11.59 9.72 -23.22
N PHE A 202 -10.89 9.14 -22.25
CA PHE A 202 -9.68 9.74 -21.68
C PHE A 202 -8.57 9.61 -22.72
N ARG A 203 -8.66 10.42 -23.77
CA ARG A 203 -7.71 10.36 -24.88
C ARG A 203 -7.26 11.77 -25.24
N GLU A 204 -5.96 11.93 -25.45
CA GLU A 204 -5.41 13.22 -25.84
C GLU A 204 -6.02 13.73 -27.13
N GLU A 205 -6.31 12.82 -28.06
CA GLU A 205 -6.90 13.22 -29.34
C GLU A 205 -8.23 13.92 -29.15
N LEU A 206 -8.95 13.60 -28.09
CA LEU A 206 -10.24 14.21 -27.79
C LEU A 206 -10.14 15.34 -26.77
N GLY A 207 -8.93 15.80 -26.46
CA GLY A 207 -8.74 16.94 -25.59
C GLY A 207 -8.40 16.62 -24.14
N ALA A 208 -8.21 15.34 -23.80
CA ALA A 208 -7.77 15.00 -22.46
C ALA A 208 -6.35 15.50 -22.22
N ARG A 209 -6.11 15.98 -21.02
CA ARG A 209 -4.80 16.54 -20.68
C ARG A 209 -3.96 15.47 -19.98
N PRO A 210 -2.71 15.26 -20.42
CA PRO A 210 -1.91 14.18 -19.84
C PRO A 210 -1.57 14.38 -18.37
N ASP A 211 -1.55 15.62 -17.90
CA ASP A 211 -1.21 15.91 -16.51
C ASP A 211 -2.43 15.89 -15.59
N ALA A 212 -3.63 15.78 -16.13
CA ALA A 212 -4.84 15.94 -15.33
C ALA A 212 -5.12 14.68 -14.52
N THR A 213 -5.66 14.89 -13.31
CA THR A 213 -6.24 13.79 -12.55
C THR A 213 -7.56 13.38 -13.18
N LYS A 214 -7.76 12.07 -13.35
CA LYS A 214 -8.93 11.54 -14.02
C LYS A 214 -10.02 11.20 -13.02
N VAL A 215 -11.23 11.70 -13.25
CA VAL A 215 -12.38 11.45 -12.40
C VAL A 215 -13.54 10.98 -13.27
N LEU A 216 -14.29 9.99 -12.76
CA LEU A 216 -15.46 9.45 -13.46
C LEU A 216 -16.65 9.53 -12.52
N ILE A 217 -17.70 10.24 -12.94
CA ILE A 217 -18.95 10.31 -12.20
C ILE A 217 -19.96 9.46 -12.95
N ILE A 218 -20.40 8.37 -12.32
CA ILE A 218 -21.34 7.43 -12.92
C ILE A 218 -22.71 7.63 -12.27
N ILE A 219 -23.74 7.78 -13.09
CA ILE A 219 -25.10 8.03 -12.64
C ILE A 219 -25.98 6.94 -13.21
N THR A 220 -26.67 6.20 -12.34
CA THR A 220 -27.41 5.03 -12.78
C THR A 220 -28.66 4.85 -11.92
N ASP A 221 -29.66 4.18 -12.50
CA ASP A 221 -30.93 3.93 -11.83
C ASP A 221 -31.27 2.44 -11.79
N GLY A 222 -30.34 1.57 -12.17
CA GLY A 222 -30.58 0.14 -12.14
C GLY A 222 -29.28 -0.63 -12.07
N GLU A 223 -29.40 -1.89 -11.71
CA GLU A 223 -28.22 -2.76 -11.64
C GLU A 223 -27.74 -3.10 -13.04
N ALA A 224 -26.43 -3.37 -13.14
CA ALA A 224 -25.81 -3.64 -14.43
C ALA A 224 -26.47 -4.84 -15.10
N THR A 225 -26.57 -4.78 -16.42
CA THR A 225 -27.13 -5.88 -17.21
C THR A 225 -26.06 -6.70 -17.91
N ASP A 226 -24.79 -6.29 -17.81
CA ASP A 226 -23.67 -7.05 -18.35
C ASP A 226 -22.74 -7.47 -17.20
N SER A 227 -21.63 -8.13 -17.56
CA SER A 227 -20.66 -8.58 -16.58
C SER A 227 -19.26 -8.43 -17.16
N GLY A 228 -18.27 -8.77 -16.34
CA GLY A 228 -16.87 -8.66 -16.73
C GLY A 228 -16.01 -8.04 -15.65
N ASN A 229 -15.13 -7.12 -16.04
CA ASN A 229 -14.29 -6.41 -15.08
C ASN A 229 -14.05 -5.00 -15.60
N ILE A 230 -13.64 -4.12 -14.68
CA ILE A 230 -13.26 -2.76 -15.05
C ILE A 230 -11.79 -2.53 -14.73
N ASP A 231 -10.94 -3.53 -15.01
CA ASP A 231 -9.52 -3.37 -14.73
C ASP A 231 -8.91 -2.21 -15.50
N ALA A 232 -9.42 -1.92 -16.70
CA ALA A 232 -8.87 -0.85 -17.52
C ALA A 232 -9.15 0.53 -16.94
N ALA A 233 -9.97 0.64 -15.89
CA ALA A 233 -10.29 1.91 -15.27
C ALA A 233 -9.69 2.06 -13.87
N LYS A 234 -8.73 1.18 -13.51
CA LYS A 234 -8.22 1.16 -12.14
C LYS A 234 -7.44 2.41 -11.78
N ASP A 235 -6.99 3.19 -12.77
CA ASP A 235 -6.28 4.43 -12.51
C ASP A 235 -7.19 5.66 -12.64
N ILE A 236 -8.50 5.46 -12.52
CA ILE A 236 -9.48 6.53 -12.55
C ILE A 236 -10.22 6.55 -11.23
N ILE A 237 -10.40 7.75 -10.67
CA ILE A 237 -11.20 7.93 -9.47
C ILE A 237 -12.67 7.83 -9.85
N ARG A 238 -13.38 6.87 -9.27
CA ARG A 238 -14.72 6.51 -9.71
C ARG A 238 -15.73 6.75 -8.59
N TYR A 239 -16.71 7.59 -8.87
CA TYR A 239 -17.77 7.97 -7.94
C TYR A 239 -19.10 7.64 -8.60
N ILE A 240 -19.91 6.79 -7.96
CA ILE A 240 -21.14 6.29 -8.57
C ILE A 240 -22.34 6.73 -7.74
N ILE A 241 -23.38 7.17 -8.45
CA ILE A 241 -24.65 7.60 -7.85
C ILE A 241 -25.72 6.63 -8.32
N GLY A 242 -26.31 5.89 -7.37
CA GLY A 242 -27.44 5.03 -7.64
C GLY A 242 -28.71 5.67 -7.14
N ILE A 243 -29.66 5.88 -8.05
CA ILE A 243 -30.87 6.63 -7.77
C ILE A 243 -32.09 5.73 -7.90
N GLY A 244 -33.01 5.85 -6.96
CA GLY A 244 -34.37 5.41 -7.16
C GLY A 244 -34.71 4.07 -6.52
N LYS A 245 -35.94 3.63 -6.83
CA LYS A 245 -36.53 2.49 -6.15
C LYS A 245 -35.73 1.22 -6.36
N HIS A 246 -34.98 1.13 -7.45
CA HIS A 246 -34.24 -0.11 -7.71
C HIS A 246 -33.02 -0.25 -6.82
N PHE A 247 -32.72 0.72 -5.97
CA PHE A 247 -31.65 0.62 -4.99
C PHE A 247 -32.21 0.78 -3.58
N GLN A 248 -33.38 0.21 -3.34
CA GLN A 248 -33.98 0.27 -2.01
C GLN A 248 -33.29 -0.69 -1.05
N THR A 249 -32.96 -1.89 -1.50
CA THR A 249 -32.36 -2.89 -0.64
C THR A 249 -30.86 -2.67 -0.50
N LYS A 250 -30.34 -3.03 0.67
CA LYS A 250 -28.90 -2.97 0.89
C LYS A 250 -28.16 -3.83 -0.12
N GLU A 251 -28.76 -4.97 -0.49
CA GLU A 251 -28.13 -5.87 -1.45
C GLU A 251 -27.91 -5.19 -2.79
N SER A 252 -28.95 -4.51 -3.30
CA SER A 252 -28.83 -3.85 -4.59
C SER A 252 -27.81 -2.73 -4.56
N GLN A 253 -27.76 -1.97 -3.46
CA GLN A 253 -26.77 -0.90 -3.33
C GLN A 253 -25.35 -1.45 -3.40
N GLU A 254 -25.11 -2.60 -2.78
CA GLU A 254 -23.76 -3.16 -2.73
C GLU A 254 -23.27 -3.67 -4.08
N THR A 255 -24.17 -3.92 -5.02
CA THR A 255 -23.75 -4.29 -6.37
C THR A 255 -23.01 -3.15 -7.07
N LEU A 256 -23.15 -1.92 -6.57
CA LEU A 256 -22.47 -0.76 -7.13
C LEU A 256 -21.06 -0.57 -6.57
N HIS A 257 -20.70 -1.28 -5.51
CA HIS A 257 -19.39 -1.06 -4.88
C HIS A 257 -18.26 -1.42 -5.83
N LYS A 258 -18.45 -2.44 -6.67
CA LYS A 258 -17.38 -2.91 -7.54
C LYS A 258 -17.04 -1.91 -8.63
N PHE A 259 -17.92 -0.97 -8.94
CA PHE A 259 -17.65 0.03 -9.97
C PHE A 259 -16.98 1.28 -9.42
N ALA A 260 -17.06 1.53 -8.12
CA ALA A 260 -16.55 2.75 -7.53
C ALA A 260 -15.18 2.54 -6.91
N SER A 261 -14.50 3.65 -6.64
CA SER A 261 -13.28 3.61 -5.85
C SER A 261 -13.60 3.22 -4.41
N LYS A 262 -12.58 2.82 -3.69
CA LYS A 262 -12.70 2.39 -2.31
C LYS A 262 -12.33 3.52 -1.35
N PRO A 263 -12.95 3.58 -0.17
CA PRO A 263 -14.00 2.66 0.26
C PRO A 263 -15.37 3.08 -0.24
N ALA A 264 -16.35 2.17 -0.17
CA ALA A 264 -17.67 2.44 -0.73
C ALA A 264 -18.34 3.63 -0.07
N SER A 265 -18.09 3.84 1.23
CA SER A 265 -18.75 4.92 1.97
C SER A 265 -18.44 6.30 1.40
N GLU A 266 -17.31 6.46 0.70
CA GLU A 266 -16.96 7.75 0.12
C GLU A 266 -17.34 7.88 -1.34
N PHE A 267 -17.39 6.78 -2.09
CA PHE A 267 -17.55 6.85 -3.54
C PHE A 267 -18.81 6.18 -4.06
N VAL A 268 -19.66 5.63 -3.19
CA VAL A 268 -20.98 5.15 -3.57
C VAL A 268 -22.00 6.03 -2.89
N LYS A 269 -22.86 6.67 -3.68
CA LYS A 269 -23.90 7.56 -3.18
C LYS A 269 -25.26 7.04 -3.63
N ILE A 270 -26.14 6.76 -2.68
CA ILE A 270 -27.48 6.23 -2.96
C ILE A 270 -28.48 7.36 -2.70
N LEU A 271 -29.31 7.63 -3.71
CA LEU A 271 -30.38 8.63 -3.61
C LEU A 271 -31.72 7.94 -3.79
N ASP A 272 -32.65 8.18 -2.88
CA ASP A 272 -33.97 7.57 -3.01
C ASP A 272 -34.78 8.23 -4.11
N THR A 273 -34.58 9.52 -4.35
CA THR A 273 -35.30 10.25 -5.39
C THR A 273 -34.32 11.00 -6.28
N PHE A 274 -34.80 11.37 -7.47
CA PHE A 274 -34.01 12.19 -8.38
C PHE A 274 -33.94 13.63 -7.93
N GLU A 275 -34.91 14.08 -7.13
CA GLU A 275 -34.90 15.45 -6.63
C GLU A 275 -33.65 15.74 -5.82
N LYS A 276 -33.04 14.72 -5.22
CA LYS A 276 -31.87 14.93 -4.38
C LYS A 276 -30.60 15.16 -5.19
N LEU A 277 -30.63 14.99 -6.52
CA LEU A 277 -29.50 15.38 -7.34
C LEU A 277 -29.23 16.87 -7.24
N LYS A 278 -30.25 17.65 -6.91
CA LYS A 278 -30.12 19.11 -6.85
C LYS A 278 -29.24 19.58 -5.68
N ASP A 279 -28.98 18.72 -4.70
CA ASP A 279 -28.27 19.11 -3.49
C ASP A 279 -26.94 18.38 -3.31
N LEU A 280 -26.45 17.69 -4.34
CA LEU A 280 -25.34 16.76 -4.18
C LEU A 280 -23.97 17.36 -4.48
N PHE A 281 -23.91 18.47 -5.21
CA PHE A 281 -22.63 18.92 -5.76
C PHE A 281 -21.56 19.07 -4.68
N THR A 282 -21.87 19.76 -3.59
CA THR A 282 -20.87 20.06 -2.58
C THR A 282 -20.28 18.79 -1.99
N GLU A 283 -21.14 17.84 -1.60
CA GLU A 283 -20.64 16.56 -1.10
C GLU A 283 -19.80 15.87 -2.15
N LEU A 284 -20.27 15.84 -3.40
CA LEU A 284 -19.56 15.15 -4.47
C LEU A 284 -18.15 15.71 -4.65
N GLN A 285 -18.02 17.04 -4.69
CA GLN A 285 -16.72 17.64 -4.95
C GLN A 285 -15.72 17.32 -3.84
N LYS A 286 -16.19 17.28 -2.59
CA LYS A 286 -15.31 16.92 -1.49
C LYS A 286 -14.86 15.47 -1.57
N LYS A 287 -15.77 14.58 -1.99
CA LYS A 287 -15.46 13.15 -2.00
C LYS A 287 -14.44 12.80 -3.07
N ILE A 288 -14.58 13.37 -4.28
CA ILE A 288 -13.71 12.98 -5.38
C ILE A 288 -12.27 13.46 -5.22
N ARG A 289 -11.99 14.30 -4.22
CA ARG A 289 -10.65 14.78 -3.93
C ARG A 289 -10.29 14.54 -2.47
N SER A 290 -10.68 13.39 -1.92
CA SER A 290 -10.51 13.11 -0.51
C SER A 290 -9.61 11.91 -0.22
N LYS A 291 -9.10 11.24 -1.24
CA LYS A 291 -8.37 9.98 -1.06
C LYS A 291 -7.02 10.06 -1.74
N VAL A 292 -5.98 9.64 -1.03
CA VAL A 292 -4.66 9.39 -1.61
C VAL A 292 -4.32 7.95 -1.35
N GLU A 293 -4.11 7.19 -2.42
CA GLU A 293 -3.75 5.77 -2.33
C GLU A 293 -2.52 5.51 -3.19
N LEU A 294 -1.45 5.05 -2.55
CA LEU A 294 -0.21 4.75 -3.27
C LEU A 294 -0.27 3.39 -3.93
N GLU A 295 0.20 3.33 -5.17
CA GLU A 295 0.34 2.10 -5.92
C GLU A 295 1.81 1.92 -6.30
N VAL A 296 2.31 0.70 -6.18
CA VAL A 296 3.69 0.37 -6.53
C VAL A 296 3.68 -0.32 -7.88
N ARG A 297 4.49 0.20 -8.81
CA ARG A 297 4.59 -0.35 -10.16
C ARG A 297 6.01 -0.81 -10.42
N ASP A 298 6.12 -1.95 -11.12
CA ASP A 298 7.39 -2.49 -11.61
C ASP A 298 8.37 -2.79 -10.47
N LEU A 299 7.86 -3.21 -9.31
CA LEU A 299 8.74 -3.57 -8.21
C LEU A 299 9.46 -4.87 -8.54
N PRO A 300 10.78 -4.89 -8.55
CA PRO A 300 11.49 -6.15 -8.81
C PRO A 300 11.29 -7.15 -7.68
N GLU A 301 11.38 -8.44 -8.04
CA GLU A 301 11.14 -9.50 -7.07
C GLU A 301 12.04 -9.38 -5.85
N GLU A 302 13.29 -8.96 -6.07
CA GLU A 302 14.27 -8.89 -4.99
C GLU A 302 13.98 -7.79 -3.98
N LEU A 303 13.12 -6.84 -4.31
CA LEU A 303 12.81 -5.74 -3.42
C LEU A 303 11.48 -5.97 -2.70
N SER A 304 11.40 -5.46 -1.47
CA SER A 304 10.17 -5.46 -0.69
C SER A 304 10.00 -4.11 -0.02
N LEU A 305 8.76 -3.70 0.13
CA LEU A 305 8.44 -2.39 0.68
C LEU A 305 7.41 -2.53 1.80
N SER A 306 7.55 -1.69 2.83
CA SER A 306 6.52 -1.52 3.85
C SER A 306 6.29 -0.03 4.06
N PHE A 307 5.06 0.31 4.41
CA PHE A 307 4.60 1.69 4.44
C PHE A 307 4.02 2.05 5.79
N ASN A 308 4.37 3.23 6.28
CA ASN A 308 3.66 3.88 7.38
C ASN A 308 3.08 5.19 6.87
N ALA A 309 1.84 5.47 7.24
CA ALA A 309 1.10 6.61 6.71
C ALA A 309 0.94 7.68 7.78
N THR A 310 1.11 8.93 7.37
CA THR A 310 0.84 10.11 8.19
C THR A 310 -0.25 10.90 7.48
N CYS A 311 -1.49 10.72 7.91
CA CYS A 311 -2.65 11.31 7.23
C CYS A 311 -3.18 12.57 7.90
N LEU A 312 -3.19 12.62 9.23
CA LEU A 312 -3.85 13.70 9.94
C LEU A 312 -3.08 14.07 11.19
N ASN A 313 -2.76 15.37 11.32
CA ASN A 313 -2.20 15.94 12.55
C ASN A 313 -0.95 15.18 13.01
N ASN A 314 -0.10 14.82 12.05
CA ASN A 314 1.20 14.21 12.31
C ASN A 314 1.12 12.89 13.06
N GLU A 315 -0.01 12.20 12.99
CA GLU A 315 -0.16 10.89 13.61
C GLU A 315 0.27 9.81 12.61
N VAL A 316 1.17 8.94 13.05
CA VAL A 316 1.68 7.87 12.21
C VAL A 316 0.82 6.62 12.41
N ILE A 317 0.29 6.08 11.32
CA ILE A 317 -0.44 4.82 11.34
C ILE A 317 0.40 3.80 10.56
N PRO A 318 0.95 2.79 11.23
CA PRO A 318 1.85 1.86 10.53
C PRO A 318 1.10 0.86 9.67
N GLY A 319 1.77 0.42 8.62
CA GLY A 319 1.23 -0.62 7.77
C GLY A 319 0.16 -0.16 6.80
N LEU A 320 0.02 1.14 6.57
CA LEU A 320 -1.00 1.68 5.68
C LEU A 320 -0.36 2.40 4.50
N LYS A 321 -1.00 2.27 3.34
CA LYS A 321 -0.51 2.85 2.10
C LYS A 321 -1.47 3.89 1.53
N SER A 322 -2.50 4.28 2.29
CA SER A 322 -3.53 5.16 1.78
CA SER A 322 -3.52 5.18 1.78
C SER A 322 -4.04 6.07 2.89
N CYS A 323 -4.63 7.19 2.48
CA CYS A 323 -5.29 8.14 3.38
C CYS A 323 -6.64 8.51 2.78
N MET A 324 -7.61 8.77 3.65
CA MET A 324 -8.94 9.18 3.22
C MET A 324 -9.43 10.33 4.09
N GLY A 325 -10.60 10.85 3.73
CA GLY A 325 -11.17 11.99 4.44
C GLY A 325 -10.38 13.26 4.28
N LEU A 326 -9.65 13.41 3.18
CA LEU A 326 -8.79 14.57 3.00
C LEU A 326 -9.58 15.75 2.44
N LYS A 327 -9.20 16.94 2.87
CA LYS A 327 -9.68 18.17 2.26
C LYS A 327 -8.73 18.57 1.15
N ILE A 328 -9.26 19.29 0.16
CA ILE A 328 -8.41 19.78 -0.92
C ILE A 328 -7.32 20.65 -0.33
N GLY A 329 -6.08 20.43 -0.78
CA GLY A 329 -4.94 21.15 -0.25
C GLY A 329 -4.21 20.46 0.88
N ASP A 330 -4.76 19.39 1.43
CA ASP A 330 -4.09 18.66 2.51
C ASP A 330 -2.84 17.96 2.02
N THR A 331 -1.85 17.84 2.90
CA THR A 331 -0.62 17.12 2.63
C THR A 331 -0.57 15.87 3.48
N VAL A 332 -0.32 14.73 2.86
CA VAL A 332 -0.07 13.48 3.56
C VAL A 332 1.36 13.04 3.23
N SER A 333 1.90 12.20 4.11
CA SER A 333 3.26 11.73 3.98
C SER A 333 3.31 10.25 4.30
N PHE A 334 4.19 9.54 3.63
CA PHE A 334 4.39 8.12 3.86
C PHE A 334 5.87 7.85 4.08
N SER A 335 6.17 7.05 5.10
CA SER A 335 7.50 6.51 5.32
C SER A 335 7.56 5.12 4.70
N ILE A 336 8.60 4.87 3.90
CA ILE A 336 8.71 3.65 3.13
C ILE A 336 10.06 3.00 3.43
N GLU A 337 10.03 1.72 3.78
CA GLU A 337 11.23 0.93 3.98
C GLU A 337 11.37 -0.03 2.81
N ALA A 338 12.51 0.04 2.13
CA ALA A 338 12.83 -0.85 1.02
C ALA A 338 13.92 -1.80 1.46
N LYS A 339 13.74 -3.10 1.17
CA LYS A 339 14.72 -4.11 1.50
C LYS A 339 15.01 -4.97 0.28
N VAL A 340 16.27 -5.31 0.09
CA VAL A 340 16.69 -6.19 -0.99
C VAL A 340 16.95 -7.59 -0.43
N ARG A 341 16.69 -8.60 -1.23
CA ARG A 341 17.00 -9.99 -0.88
C ARG A 341 18.34 -10.34 -1.53
N GLY A 342 19.39 -10.42 -0.70
CA GLY A 342 20.71 -10.78 -1.20
C GLY A 342 21.31 -9.65 -2.03
N CYS A 343 21.95 -10.04 -3.14
CA CYS A 343 22.51 -9.08 -4.07
C CYS A 343 22.18 -9.48 -5.50
N PRO A 344 21.28 -8.78 -6.18
CA PRO A 344 20.99 -9.10 -7.57
C PRO A 344 22.18 -8.75 -8.47
N GLN A 345 22.37 -9.57 -9.50
CA GLN A 345 23.42 -9.33 -10.48
C GLN A 345 23.04 -8.27 -11.51
N GLU A 346 21.77 -7.92 -11.62
CA GLU A 346 21.31 -7.02 -12.67
C GLU A 346 21.94 -5.64 -12.51
N LYS A 347 22.10 -4.95 -13.64
CA LYS A 347 22.77 -3.66 -13.69
C LYS A 347 22.09 -2.61 -12.81
N GLU A 348 20.85 -2.23 -13.17
CA GLU A 348 20.14 -1.20 -12.43
C GLU A 348 18.64 -1.39 -12.61
N LYS A 349 17.91 -1.31 -11.50
CA LYS A 349 16.46 -1.46 -11.48
C LYS A 349 15.82 -0.14 -11.08
N SER A 350 14.51 -0.04 -11.35
CA SER A 350 13.77 1.16 -10.98
C SER A 350 12.29 0.82 -10.94
N PHE A 351 11.61 1.31 -9.90
CA PHE A 351 10.17 1.19 -9.78
C PHE A 351 9.59 2.58 -9.51
N THR A 352 8.26 2.67 -9.59
CA THR A 352 7.56 3.93 -9.37
C THR A 352 6.54 3.76 -8.26
N ILE A 353 6.35 4.83 -7.49
CA ILE A 353 5.29 4.93 -6.50
C ILE A 353 4.42 6.10 -6.91
N LYS A 354 3.13 5.83 -7.15
CA LYS A 354 2.24 6.83 -7.72
C LYS A 354 0.87 6.74 -7.07
N PRO A 355 0.30 7.87 -6.64
CA PRO A 355 -1.09 7.85 -6.15
C PRO A 355 -2.06 7.54 -7.28
N VAL A 356 -3.10 6.78 -6.94
CA VAL A 356 -4.09 6.36 -7.93
C VAL A 356 -4.80 7.59 -8.48
N GLY A 357 -4.94 7.63 -9.81
CA GLY A 357 -5.59 8.74 -10.49
C GLY A 357 -4.69 9.92 -10.79
N PHE A 358 -3.50 9.95 -10.22
CA PHE A 358 -2.58 11.07 -10.39
C PHE A 358 -1.63 10.82 -11.55
N LYS A 359 -1.12 11.92 -12.11
CA LYS A 359 -0.04 11.81 -13.08
C LYS A 359 1.33 11.78 -12.38
N ASP A 360 1.51 12.61 -11.37
CA ASP A 360 2.81 12.73 -10.71
C ASP A 360 3.15 11.47 -9.94
N SER A 361 4.44 11.19 -9.83
CA SER A 361 4.90 9.95 -9.22
C SER A 361 6.31 10.14 -8.68
N LEU A 362 6.71 9.20 -7.83
CA LEU A 362 8.09 9.10 -7.36
C LEU A 362 8.75 7.93 -8.06
N ILE A 363 9.82 8.22 -8.81
CA ILE A 363 10.60 7.20 -9.50
C ILE A 363 11.80 6.86 -8.64
N VAL A 364 11.94 5.59 -8.28
CA VAL A 364 13.00 5.13 -7.39
C VAL A 364 13.98 4.31 -8.22
N GLN A 365 15.12 4.91 -8.53
CA GLN A 365 16.20 4.19 -9.19
C GLN A 365 16.97 3.38 -8.14
N VAL A 366 17.22 2.11 -8.43
CA VAL A 366 17.80 1.17 -7.48
C VAL A 366 19.10 0.64 -8.04
N THR A 367 20.17 0.76 -7.26
CA THR A 367 21.43 0.10 -7.54
C THR A 367 21.88 -0.66 -6.30
N PHE A 368 22.77 -1.62 -6.50
CA PHE A 368 23.26 -2.46 -5.42
C PHE A 368 24.78 -2.33 -5.31
N ASP A 369 25.26 -2.31 -4.07
CA ASP A 369 26.67 -2.08 -3.74
C ASP A 369 27.18 -3.30 -2.99
N CYS A 370 27.58 -4.32 -3.74
CA CYS A 370 27.96 -5.60 -3.16
C CYS A 370 29.44 -5.90 -3.25
N ASP A 371 30.19 -5.17 -4.06
CA ASP A 371 31.61 -5.44 -4.28
C ASP A 371 32.47 -4.48 -3.46
N CYS A 372 33.61 -4.99 -3.03
CA CYS A 372 34.59 -4.15 -2.33
C CYS A 372 35.43 -3.38 -3.33
N ALA A 373 35.74 -2.12 -2.99
CA ALA A 373 36.48 -1.27 -3.91
C ALA A 373 37.91 -1.76 -4.10
N CYS A 374 38.44 -2.48 -3.12
CA CYS A 374 39.79 -3.03 -3.19
C CYS A 374 39.95 -4.08 -4.27
N GLN A 375 38.86 -4.61 -4.82
CA GLN A 375 38.95 -5.60 -5.88
C GLN A 375 39.55 -5.01 -7.16
N ALA A 376 39.47 -3.69 -7.34
CA ALA A 376 40.16 -3.06 -8.44
C ALA A 376 41.68 -3.23 -8.35
N GLN A 377 42.18 -3.63 -7.19
CA GLN A 377 43.60 -3.87 -7.00
C GLN A 377 43.86 -5.36 -6.83
N ALA A 378 43.31 -6.17 -7.72
CA ALA A 378 43.43 -7.63 -7.67
C ALA A 378 44.45 -8.09 -8.70
N GLU A 379 45.48 -8.80 -8.25
CA GLU A 379 46.54 -9.27 -9.13
C GLU A 379 46.44 -10.78 -9.30
N PRO A 380 45.87 -11.27 -10.39
CA PRO A 380 45.87 -12.71 -10.63
C PRO A 380 47.28 -13.23 -10.88
N ASN A 381 47.49 -14.50 -10.54
CA ASN A 381 48.81 -15.13 -10.62
C ASN A 381 49.83 -14.35 -9.81
N SER A 382 49.48 -14.07 -8.56
CA SER A 382 50.29 -13.23 -7.69
C SER A 382 51.41 -14.04 -7.05
N HIS A 383 52.60 -13.42 -6.97
CA HIS A 383 53.72 -14.03 -6.27
C HIS A 383 53.49 -14.12 -4.77
N ARG A 384 52.46 -13.46 -4.25
CA ARG A 384 52.14 -13.51 -2.83
C ARG A 384 51.29 -14.73 -2.48
N CYS A 385 50.93 -15.56 -3.45
CA CYS A 385 50.13 -16.76 -3.20
C CYS A 385 50.77 -17.95 -3.94
N ASN A 386 51.96 -18.35 -3.48
CA ASN A 386 52.64 -19.54 -3.99
C ASN A 386 53.03 -19.38 -5.45
N ASN A 387 52.88 -20.44 -6.24
CA ASN A 387 53.28 -20.43 -7.65
C ASN A 387 52.29 -19.62 -8.48
N GLY A 388 52.17 -18.32 -8.18
CA GLY A 388 51.14 -17.53 -8.83
C GLY A 388 49.77 -18.15 -8.70
N ASN A 389 49.50 -18.79 -7.57
CA ASN A 389 48.30 -19.62 -7.40
C ASN A 389 47.20 -18.75 -6.83
N GLY A 390 46.44 -18.11 -7.72
CA GLY A 390 45.28 -17.35 -7.31
C GLY A 390 45.43 -15.85 -7.48
N THR A 391 44.88 -15.09 -6.53
CA THR A 391 44.87 -13.65 -6.57
C THR A 391 45.05 -13.10 -5.16
N PHE A 392 45.85 -12.05 -5.03
CA PHE A 392 45.93 -11.31 -3.77
C PHE A 392 44.89 -10.20 -3.83
N GLU A 393 43.68 -10.54 -3.38
CA GLU A 393 42.54 -9.65 -3.46
C GLU A 393 42.21 -9.11 -2.06
N CYS A 394 42.38 -7.80 -1.89
CA CYS A 394 41.98 -7.10 -0.66
C CYS A 394 42.68 -7.65 0.58
N GLY A 395 43.90 -8.14 0.43
CA GLY A 395 44.69 -8.57 1.55
C GLY A 395 44.65 -10.05 1.88
N VAL A 396 44.05 -10.88 1.03
CA VAL A 396 44.00 -12.32 1.22
C VAL A 396 44.30 -13.00 -0.11
N CYS A 397 44.51 -14.32 -0.05
CA CYS A 397 44.81 -15.13 -1.23
C CYS A 397 43.58 -15.95 -1.59
N ARG A 398 42.97 -15.62 -2.72
CA ARG A 398 41.87 -16.41 -3.29
C ARG A 398 42.52 -17.52 -4.13
N CYS A 399 42.62 -18.70 -3.54
CA CYS A 399 43.47 -19.76 -4.08
C CYS A 399 42.87 -20.39 -5.32
N GLY A 400 43.74 -20.96 -6.15
CA GLY A 400 43.33 -21.67 -7.33
C GLY A 400 42.86 -23.08 -7.00
N PRO A 401 42.46 -23.79 -8.05
CA PRO A 401 41.91 -25.14 -7.84
C PRO A 401 42.98 -26.15 -7.49
N GLY A 402 42.60 -27.14 -6.68
CA GLY A 402 43.45 -28.23 -6.32
C GLY A 402 44.28 -28.03 -5.06
N TRP A 403 44.60 -26.79 -4.73
CA TRP A 403 45.40 -26.51 -3.54
C TRP A 403 44.82 -25.33 -2.79
N LEU A 404 44.95 -25.38 -1.46
CA LEU A 404 44.36 -24.37 -0.57
C LEU A 404 45.42 -23.83 0.39
N GLY A 405 44.98 -23.11 1.41
CA GLY A 405 45.85 -22.59 2.44
C GLY A 405 45.87 -21.08 2.48
N SER A 406 46.49 -20.56 3.55
CA SER A 406 46.56 -19.12 3.74
C SER A 406 47.28 -18.43 2.58
N GLN A 407 48.36 -19.05 2.09
CA GLN A 407 49.07 -18.57 0.91
C GLN A 407 49.00 -19.59 -0.23
N CYS A 408 47.97 -20.44 -0.22
CA CYS A 408 47.71 -21.39 -1.29
C CYS A 408 48.85 -22.39 -1.46
N GLU A 409 49.39 -22.85 -0.34
CA GLU A 409 50.56 -23.72 -0.36
C GLU A 409 50.22 -25.20 -0.19
N CYS A 410 49.16 -25.53 0.53
CA CYS A 410 48.81 -26.93 0.78
C CYS A 410 47.98 -27.47 -0.37
N SER A 411 48.33 -28.67 -0.85
CA SER A 411 47.72 -29.22 -2.04
C SER A 411 46.95 -30.48 -1.66
N GLU A 412 47.52 -31.67 -1.87
CA GLU A 412 46.84 -32.93 -1.61
C GLU A 412 47.19 -33.51 -0.24
N GLU A 413 48.48 -33.77 -0.02
CA GLU A 413 48.99 -34.25 1.27
C GLU A 413 48.29 -35.52 1.74
N GLN A 420 45.55 -28.94 9.92
CA GLN A 420 45.14 -30.33 9.78
C GLN A 420 44.10 -30.71 10.83
N ASP A 421 44.16 -30.03 11.98
CA ASP A 421 43.41 -30.47 13.15
C ASP A 421 41.97 -29.99 13.17
N GLU A 422 41.74 -28.68 13.00
CA GLU A 422 40.43 -28.10 13.29
C GLU A 422 39.50 -28.24 12.08
N CYS A 423 38.81 -29.37 12.02
CA CYS A 423 37.69 -29.57 11.10
C CYS A 423 36.41 -29.92 11.86
N SER A 424 36.41 -29.79 13.18
CA SER A 424 35.28 -30.14 14.02
C SER A 424 35.22 -29.17 15.18
N PRO A 425 34.03 -28.84 15.69
CA PRO A 425 33.97 -27.92 16.85
C PRO A 425 34.67 -28.48 18.08
N ARG A 426 34.55 -29.78 18.31
CA ARG A 426 35.29 -30.46 19.37
C ARG A 426 35.79 -31.79 18.81
N GLU A 427 36.57 -32.51 19.63
CA GLU A 427 37.26 -33.70 19.13
C GLU A 427 36.30 -34.86 18.88
N GLY A 428 35.13 -34.87 19.53
CA GLY A 428 34.22 -35.99 19.42
C GLY A 428 33.37 -36.02 18.16
N GLN A 429 32.89 -34.86 17.73
CA GLN A 429 31.96 -34.81 16.61
C GLN A 429 32.67 -35.13 15.29
N PRO A 430 31.94 -35.62 14.30
CA PRO A 430 32.53 -35.85 12.98
C PRO A 430 32.95 -34.55 12.32
N VAL A 431 33.75 -34.68 11.27
CA VAL A 431 34.34 -33.52 10.61
C VAL A 431 33.34 -32.92 9.64
N CYS A 432 33.27 -31.58 9.64
CA CYS A 432 32.52 -30.81 8.64
C CYS A 432 31.04 -31.16 8.60
N SER A 433 30.47 -31.49 9.77
CA SER A 433 29.05 -31.81 9.92
C SER A 433 28.61 -32.95 9.00
N GLN A 434 29.55 -33.80 8.59
CA GLN A 434 29.31 -34.89 7.64
C GLN A 434 28.75 -34.37 6.31
N ARG A 435 28.97 -33.08 6.01
CA ARG A 435 28.52 -32.49 4.76
C ARG A 435 29.69 -31.88 3.98
N GLY A 436 30.92 -32.24 4.31
CA GLY A 436 32.08 -31.72 3.63
C GLY A 436 33.28 -32.57 3.96
N GLU A 437 34.37 -32.31 3.23
CA GLU A 437 35.61 -33.05 3.39
C GLU A 437 36.67 -32.16 4.03
N CYS A 438 37.50 -32.75 4.87
CA CYS A 438 38.54 -32.02 5.58
C CYS A 438 39.81 -32.05 4.72
N LEU A 439 40.16 -30.88 4.17
CA LEU A 439 41.35 -30.74 3.33
C LEU A 439 42.17 -29.57 3.82
N CYS A 440 43.46 -29.81 4.05
CA CYS A 440 44.40 -28.78 4.49
C CYS A 440 43.95 -28.11 5.78
N GLY A 441 43.34 -28.89 6.67
CA GLY A 441 42.86 -28.35 7.93
C GLY A 441 41.62 -27.50 7.82
N GLN A 442 41.02 -27.39 6.64
CA GLN A 442 39.80 -26.63 6.43
C GLN A 442 38.73 -27.55 5.87
N CYS A 443 37.47 -27.19 6.14
CA CYS A 443 36.33 -27.93 5.63
C CYS A 443 35.95 -27.39 4.25
N VAL A 444 35.87 -28.28 3.27
CA VAL A 444 35.35 -27.98 1.94
C VAL A 444 34.03 -28.70 1.81
N CYS A 445 32.93 -27.95 1.79
CA CYS A 445 31.61 -28.52 1.90
C CYS A 445 31.18 -29.22 0.61
N HIS A 446 30.36 -30.24 0.76
CA HIS A 446 29.79 -30.93 -0.39
C HIS A 446 28.87 -30.00 -1.17
N SER A 447 28.72 -30.28 -2.45
CA SER A 447 27.68 -29.63 -3.23
C SER A 447 26.32 -30.23 -2.88
N SER A 448 25.27 -29.48 -3.18
CA SER A 448 23.91 -29.90 -2.88
C SER A 448 23.00 -29.55 -4.04
N ASP A 449 22.04 -30.42 -4.31
CA ASP A 449 21.02 -30.15 -5.32
C ASP A 449 19.96 -29.16 -4.84
N PHE A 450 19.90 -28.89 -3.54
CA PHE A 450 18.88 -28.02 -2.97
C PHE A 450 19.40 -26.62 -2.65
N GLY A 451 20.71 -26.39 -2.76
CA GLY A 451 21.26 -25.09 -2.44
C GLY A 451 22.75 -25.10 -2.20
N LYS A 452 23.21 -24.29 -1.25
CA LYS A 452 24.63 -24.16 -0.94
C LYS A 452 24.87 -24.44 0.54
N ILE A 453 25.85 -25.30 0.81
CA ILE A 453 26.29 -25.57 2.17
C ILE A 453 27.54 -24.74 2.44
N THR A 454 27.53 -23.98 3.52
CA THR A 454 28.65 -23.11 3.89
C THR A 454 28.92 -23.25 5.38
N GLY A 455 29.81 -22.42 5.88
CA GLY A 455 30.19 -22.42 7.27
C GLY A 455 31.56 -23.02 7.50
N LYS A 456 32.19 -22.61 8.61
CA LYS A 456 33.50 -23.14 8.96
C LYS A 456 33.48 -24.65 9.09
N TYR A 457 32.38 -25.20 9.61
CA TYR A 457 32.22 -26.64 9.76
C TYR A 457 31.11 -27.18 8.86
N CYS A 458 30.76 -26.47 7.80
CA CYS A 458 29.71 -26.86 6.87
C CYS A 458 28.38 -27.09 7.56
N GLU A 459 28.12 -26.34 8.63
CA GLU A 459 26.90 -26.46 9.40
C GLU A 459 25.80 -25.51 8.94
N CYS A 460 26.08 -24.66 7.97
CA CYS A 460 25.11 -23.70 7.45
C CYS A 460 24.67 -24.11 6.05
N ASP A 461 23.37 -23.97 5.78
CA ASP A 461 22.83 -24.13 4.45
C ASP A 461 21.66 -23.17 4.28
N ASP A 462 21.24 -22.98 3.04
CA ASP A 462 20.20 -22.02 2.69
C ASP A 462 18.95 -22.69 2.14
N PHE A 463 18.73 -23.96 2.48
CA PHE A 463 17.60 -24.70 1.93
C PHE A 463 16.83 -25.52 2.97
N SER A 464 17.14 -25.38 4.26
CA SER A 464 16.51 -26.18 5.31
C SER A 464 15.76 -25.33 6.32
N CYS A 465 15.41 -24.09 5.97
CA CYS A 465 14.60 -23.28 6.86
C CYS A 465 13.19 -23.85 6.98
N VAL A 466 12.49 -23.40 8.01
CA VAL A 466 11.12 -23.85 8.23
C VAL A 466 10.24 -23.41 7.06
N ARG A 467 9.24 -24.22 6.76
CA ARG A 467 8.34 -23.96 5.64
C ARG A 467 6.94 -23.66 6.17
N TYR A 468 6.18 -22.93 5.35
CA TYR A 468 4.77 -22.65 5.64
C TYR A 468 4.01 -22.75 4.33
N LYS A 469 3.02 -23.65 4.31
CA LYS A 469 2.22 -23.91 3.12
C LYS A 469 3.10 -24.28 1.92
N GLY A 470 4.05 -25.18 2.17
CA GLY A 470 4.88 -25.74 1.13
C GLY A 470 6.02 -24.86 0.65
N GLU A 471 6.13 -23.63 1.14
CA GLU A 471 7.16 -22.70 0.72
C GLU A 471 8.08 -22.37 1.88
N MET A 472 9.39 -22.44 1.63
CA MET A 472 10.37 -22.07 2.64
C MET A 472 10.26 -20.59 2.97
N CYS A 473 10.19 -20.26 4.26
CA CYS A 473 10.00 -18.91 4.76
C CYS A 473 8.75 -18.26 4.17
N SER A 474 7.74 -19.08 3.86
CA SER A 474 6.47 -18.63 3.27
C SER A 474 6.68 -17.91 1.94
N GLY A 475 7.86 -18.05 1.34
CA GLY A 475 8.19 -17.27 0.16
C GLY A 475 8.38 -15.79 0.41
N HIS A 476 8.45 -15.36 1.67
CA HIS A 476 8.55 -13.96 2.04
C HIS A 476 9.85 -13.64 2.75
N GLY A 477 10.87 -14.47 2.57
CA GLY A 477 12.16 -14.22 3.20
C GLY A 477 13.21 -15.13 2.59
N GLN A 478 14.45 -14.85 2.95
CA GLN A 478 15.58 -15.64 2.50
C GLN A 478 16.10 -16.51 3.63
N CYS A 479 16.48 -17.74 3.30
CA CYS A 479 17.01 -18.65 4.30
C CYS A 479 18.51 -18.41 4.46
N SER A 480 18.92 -18.03 5.67
CA SER A 480 20.32 -17.77 5.98
C SER A 480 20.71 -18.64 7.16
N CYS A 481 21.42 -19.73 6.88
CA CYS A 481 21.89 -20.69 7.89
C CYS A 481 20.74 -21.11 8.82
N GLY A 482 19.67 -21.60 8.21
CA GLY A 482 18.55 -22.14 8.96
C GLY A 482 17.61 -21.12 9.58
N ASP A 483 17.86 -19.83 9.40
CA ASP A 483 17.01 -18.79 9.94
C ASP A 483 16.41 -17.97 8.81
N CYS A 484 15.10 -17.76 8.86
CA CYS A 484 14.43 -16.94 7.85
C CYS A 484 14.70 -15.46 8.11
N LEU A 485 15.22 -14.78 7.10
CA LEU A 485 15.39 -13.32 7.13
C LEU A 485 14.27 -12.73 6.29
N CYS A 486 13.26 -12.16 6.95
CA CYS A 486 12.02 -11.81 6.28
C CYS A 486 12.16 -10.55 5.43
N ASP A 487 11.36 -10.49 4.37
CA ASP A 487 11.20 -9.26 3.61
C ASP A 487 10.66 -8.14 4.50
N SER A 488 10.71 -6.92 3.98
CA SER A 488 10.33 -5.75 4.77
C SER A 488 8.88 -5.81 5.23
N ASP A 489 7.99 -6.39 4.42
CA ASP A 489 6.56 -6.41 4.71
C ASP A 489 6.09 -7.70 5.36
N TRP A 490 7.01 -8.44 6.00
CA TRP A 490 6.64 -9.67 6.69
C TRP A 490 7.52 -9.82 7.92
N THR A 491 6.96 -10.44 8.96
CA THR A 491 7.68 -10.74 10.19
C THR A 491 7.39 -12.18 10.61
N GLY A 492 8.04 -12.60 11.68
CA GLY A 492 7.77 -13.91 12.26
C GLY A 492 8.80 -14.95 11.87
N TYR A 493 8.90 -15.98 12.71
CA TYR A 493 9.82 -17.09 12.47
C TYR A 493 9.63 -17.70 11.09
N TYR A 494 8.40 -17.69 10.58
CA TYR A 494 8.08 -18.25 9.27
C TYR A 494 7.94 -17.19 8.19
N CYS A 495 8.05 -15.91 8.54
CA CYS A 495 7.82 -14.81 7.60
C CYS A 495 6.42 -14.89 6.98
N ASN A 496 5.44 -15.29 7.79
CA ASN A 496 4.05 -15.36 7.35
C ASN A 496 3.14 -14.39 8.09
N CYS A 497 3.72 -13.42 8.80
CA CYS A 497 2.96 -12.41 9.54
C CYS A 497 3.13 -11.08 8.83
N THR A 498 2.07 -10.62 8.16
CA THR A 498 2.16 -9.40 7.38
C THR A 498 2.29 -8.17 8.28
N THR A 499 2.99 -7.16 7.78
CA THR A 499 3.07 -5.87 8.44
C THR A 499 1.90 -4.97 8.08
N ARG A 500 1.13 -5.32 7.05
CA ARG A 500 0.02 -4.50 6.61
C ARG A 500 -1.08 -4.49 7.68
N THR A 501 -1.73 -3.34 7.83
CA THR A 501 -2.78 -3.16 8.82
C THR A 501 -4.10 -2.72 8.20
N ASP A 502 -4.20 -2.71 6.87
CA ASP A 502 -5.44 -2.27 6.23
C ASP A 502 -6.60 -3.19 6.58
N THR A 503 -6.32 -4.48 6.74
CA THR A 503 -7.37 -5.42 7.15
C THR A 503 -7.70 -5.31 8.63
N CYS A 504 -7.02 -4.43 9.37
CA CYS A 504 -7.36 -4.12 10.74
C CYS A 504 -8.06 -2.78 10.89
N MET A 505 -8.09 -1.95 9.84
CA MET A 505 -8.72 -0.65 9.94
C MET A 505 -10.21 -0.79 10.16
N SER A 506 -10.74 -0.05 11.14
CA SER A 506 -12.15 -0.11 11.49
C SER A 506 -12.89 1.07 10.91
N SER A 507 -14.23 1.02 11.02
CA SER A 507 -15.06 2.06 10.45
C SER A 507 -14.91 3.38 11.19
N ASN A 508 -14.52 3.34 12.47
CA ASN A 508 -14.33 4.59 13.21
C ASN A 508 -13.02 5.28 12.88
N GLY A 509 -12.23 4.72 11.94
CA GLY A 509 -11.00 5.33 11.51
C GLY A 509 -9.77 4.88 12.26
N LEU A 510 -9.91 4.01 13.25
CA LEU A 510 -8.81 3.54 14.07
C LEU A 510 -8.54 2.07 13.79
N LEU A 511 -7.26 1.70 13.85
CA LEU A 511 -6.89 0.30 13.80
C LEU A 511 -7.54 -0.45 14.96
N CYS A 512 -8.28 -1.50 14.63
CA CYS A 512 -8.97 -2.34 15.62
C CYS A 512 -9.89 -1.51 16.50
N SER A 513 -10.48 -0.46 15.92
CA SER A 513 -11.42 0.44 16.59
C SER A 513 -10.82 1.15 17.80
N GLY A 514 -9.50 1.12 17.96
CA GLY A 514 -8.90 1.58 19.19
C GLY A 514 -9.17 0.70 20.38
N ARG A 515 -9.67 -0.51 20.17
CA ARG A 515 -9.97 -1.45 21.24
C ARG A 515 -9.10 -2.70 21.19
N GLY A 516 -8.09 -2.73 20.31
CA GLY A 516 -7.25 -3.89 20.20
C GLY A 516 -5.97 -3.56 19.46
N LYS A 517 -5.21 -4.62 19.14
CA LYS A 517 -3.95 -4.48 18.43
C LYS A 517 -3.99 -5.33 17.17
N CYS A 518 -3.42 -4.78 16.10
CA CYS A 518 -3.29 -5.50 14.84
C CYS A 518 -2.06 -6.39 14.90
N GLU A 519 -2.25 -7.69 14.71
CA GLU A 519 -1.14 -8.64 14.66
C GLU A 519 -1.33 -9.53 13.44
N CYS A 520 -0.38 -9.47 12.51
CA CYS A 520 -0.43 -10.22 11.26
C CYS A 520 -1.69 -9.91 10.47
N GLY A 521 -2.14 -8.66 10.55
CA GLY A 521 -3.31 -8.20 9.82
C GLY A 521 -4.65 -8.53 10.45
N SER A 522 -4.66 -9.14 11.63
CA SER A 522 -5.90 -9.48 12.32
C SER A 522 -5.93 -8.83 13.69
N CYS A 523 -7.11 -8.34 14.08
CA CYS A 523 -7.25 -7.61 15.33
C CYS A 523 -7.34 -8.57 16.50
N VAL A 524 -6.51 -8.33 17.52
CA VAL A 524 -6.63 -8.98 18.82
C VAL A 524 -7.30 -7.98 19.74
N CYS A 525 -8.56 -8.24 20.10
CA CYS A 525 -9.30 -7.28 20.90
C CYS A 525 -8.85 -7.32 22.35
N ILE A 526 -8.73 -6.15 22.97
CA ILE A 526 -8.22 -6.01 24.32
C ILE A 526 -9.25 -5.38 25.25
N GLN A 527 -9.94 -4.33 24.79
CA GLN A 527 -11.01 -3.73 25.56
C GLN A 527 -12.02 -4.80 25.96
N PRO A 528 -12.28 -4.98 27.26
CA PRO A 528 -13.21 -6.05 27.67
C PRO A 528 -14.60 -5.84 27.11
N GLY A 529 -15.18 -6.92 26.61
CA GLY A 529 -16.49 -6.88 26.01
C GLY A 529 -16.50 -6.54 24.53
N SER A 530 -15.36 -6.18 23.95
CA SER A 530 -15.30 -5.88 22.53
C SER A 530 -15.03 -7.15 21.74
N TYR A 531 -15.61 -7.22 20.54
CA TYR A 531 -15.40 -8.34 19.64
C TYR A 531 -15.74 -7.88 18.22
N GLY A 532 -15.81 -8.83 17.30
CA GLY A 532 -15.88 -8.49 15.89
C GLY A 532 -14.50 -8.46 15.23
N ASP A 533 -14.51 -8.45 13.90
CA ASP A 533 -13.26 -8.56 13.16
C ASP A 533 -12.31 -7.41 13.44
N THR A 534 -12.85 -6.22 13.70
CA THR A 534 -12.03 -5.06 14.05
C THR A 534 -12.42 -4.49 15.42
N CYS A 535 -12.88 -5.36 16.32
CA CYS A 535 -13.23 -4.99 17.69
C CYS A 535 -14.28 -3.88 17.73
N GLU A 536 -15.11 -3.79 16.70
CA GLU A 536 -16.09 -2.74 16.58
C GLU A 536 -17.40 -3.04 17.31
N LYS A 537 -17.62 -4.28 17.72
CA LYS A 537 -18.83 -4.68 18.44
C LYS A 537 -18.58 -4.62 19.94
N CYS A 538 -19.35 -3.80 20.65
CA CYS A 538 -19.20 -3.71 22.10
C CYS A 538 -20.45 -3.16 22.76
N PRO A 539 -21.51 -3.96 22.90
CA PRO A 539 -22.73 -3.47 23.56
C PRO A 539 -22.51 -2.91 24.96
N THR A 540 -21.55 -3.45 25.70
CA THR A 540 -21.34 -3.05 27.09
C THR A 540 -20.31 -1.94 27.25
N CYS A 541 -19.70 -1.48 26.17
CA CYS A 541 -18.76 -0.36 26.27
C CYS A 541 -19.50 0.88 26.75
N PRO A 542 -18.89 1.69 27.63
CA PRO A 542 -19.64 2.78 28.27
C PRO A 542 -20.08 3.88 27.32
N ASP A 543 -19.41 4.05 26.18
CA ASP A 543 -19.74 5.11 25.23
C ASP A 543 -20.60 4.63 24.06
N ALA A 544 -21.15 3.40 24.15
CA ALA A 544 -21.88 2.82 23.03
C ALA A 544 -23.10 3.66 22.67
N CYS A 545 -23.86 4.11 23.66
CA CYS A 545 -25.09 4.85 23.39
C CYS A 545 -24.80 6.18 22.71
N THR A 546 -23.81 6.93 23.21
CA THR A 546 -23.53 8.24 22.64
C THR A 546 -23.02 8.14 21.21
N PHE A 547 -22.35 7.04 20.87
CA PHE A 547 -21.89 6.86 19.50
C PHE A 547 -23.02 6.39 18.60
N LYS A 548 -23.80 5.40 19.05
CA LYS A 548 -24.91 4.91 18.25
C LYS A 548 -25.99 5.96 18.07
N LYS A 549 -26.13 6.87 19.03
CA LYS A 549 -27.12 7.94 18.93
C LYS A 549 -26.91 8.77 17.67
N GLU A 550 -25.65 9.05 17.32
CA GLU A 550 -25.38 9.80 16.10
C GLU A 550 -25.79 9.03 14.86
N CYS A 551 -25.78 7.70 14.93
CA CYS A 551 -26.15 6.91 13.76
C CYS A 551 -27.67 6.82 13.59
N VAL A 552 -28.40 6.74 14.70
CA VAL A 552 -29.86 6.85 14.62
C VAL A 552 -30.26 8.17 13.97
N GLU A 553 -29.55 9.24 14.32
CA GLU A 553 -29.88 10.55 13.77
C GLU A 553 -29.66 10.60 12.27
N CYS A 554 -28.48 10.19 11.80
CA CYS A 554 -28.18 10.36 10.39
C CYS A 554 -28.80 9.27 9.52
N LYS A 555 -28.83 8.03 10.01
CA LYS A 555 -29.38 6.94 9.20
C LYS A 555 -30.90 6.96 9.16
N LYS A 556 -31.56 7.14 10.31
CA LYS A 556 -33.02 7.07 10.32
C LYS A 556 -33.67 8.44 10.14
N PHE A 557 -33.13 9.49 10.75
CA PHE A 557 -33.77 10.80 10.74
C PHE A 557 -33.10 11.81 9.81
N ASP A 558 -32.04 11.41 9.09
CA ASP A 558 -31.40 12.26 8.08
C ASP A 558 -30.96 13.60 8.66
N ARG A 559 -30.38 13.58 9.85
CA ARG A 559 -29.96 14.80 10.52
C ARG A 559 -28.81 14.49 11.46
N GLY A 560 -28.18 15.55 11.96
CA GLY A 560 -27.09 15.44 12.91
C GLY A 560 -25.75 15.79 12.29
N ALA A 561 -24.72 15.74 13.15
CA ALA A 561 -23.37 16.08 12.73
C ALA A 561 -22.90 15.18 11.59
N LEU A 562 -23.16 13.88 11.68
CA LEU A 562 -22.69 12.96 10.66
C LEU A 562 -23.44 13.15 9.34
N HIS A 563 -24.72 13.51 9.40
CA HIS A 563 -25.44 13.83 8.17
C HIS A 563 -24.86 15.06 7.51
N ASP A 564 -24.61 16.12 8.29
CA ASP A 564 -24.10 17.36 7.74
C ASP A 564 -22.69 17.19 7.19
N GLU A 565 -21.87 16.36 7.80
CA GLU A 565 -20.50 16.14 7.37
C GLU A 565 -20.36 15.09 6.29
N ASN A 566 -21.48 14.47 5.88
CA ASN A 566 -21.51 13.44 4.83
C ASN A 566 -20.69 12.21 5.22
N THR A 567 -20.61 11.91 6.51
CA THR A 567 -19.87 10.76 7.01
C THR A 567 -20.78 9.70 7.61
N CYS A 568 -22.09 9.77 7.34
CA CYS A 568 -23.01 8.77 7.88
C CYS A 568 -22.71 7.38 7.32
N ASN A 569 -22.44 7.30 6.02
CA ASN A 569 -22.06 6.01 5.42
C ASN A 569 -20.75 5.49 6.00
N ARG A 570 -19.84 6.39 6.37
CA ARG A 570 -18.53 5.97 6.86
C ARG A 570 -18.64 5.31 8.22
N TYR A 571 -19.28 5.98 9.18
CA TYR A 571 -19.23 5.58 10.57
C TYR A 571 -20.38 4.69 11.01
N CYS A 572 -21.46 4.61 10.23
CA CYS A 572 -22.70 3.95 10.66
C CYS A 572 -22.96 2.74 9.77
N ARG A 573 -22.51 1.57 10.23
CA ARG A 573 -22.65 0.32 9.49
C ARG A 573 -23.76 -0.58 10.02
N ASP A 574 -24.34 -0.25 11.17
CA ASP A 574 -25.40 -1.09 11.73
C ASP A 574 -26.70 -0.86 10.96
N GLU A 575 -27.43 -1.96 10.75
CA GLU A 575 -28.76 -1.84 10.18
C GLU A 575 -29.73 -1.27 11.22
N ILE A 576 -30.69 -0.51 10.74
CA ILE A 576 -31.73 0.09 11.58
C ILE A 576 -33.03 -0.68 11.36
N GLU A 577 -33.70 -1.05 12.44
CA GLU A 577 -35.00 -1.69 12.37
C GLU A 577 -35.98 -0.92 13.26
N SER A 578 -37.10 -0.50 12.68
CA SER A 578 -38.13 0.20 13.44
C SER A 578 -38.94 -0.80 14.24
N VAL A 579 -39.18 -0.50 15.51
CA VAL A 579 -39.92 -1.37 16.40
C VAL A 579 -40.97 -0.55 17.13
N LYS A 580 -42.00 -1.23 17.62
CA LYS A 580 -42.99 -0.54 18.46
C LYS A 580 -42.50 -0.40 19.89
N GLU A 581 -41.61 -1.29 20.35
CA GLU A 581 -41.10 -1.22 21.70
C GLU A 581 -39.82 -2.04 21.79
N LEU A 582 -38.98 -1.68 22.76
CA LEU A 582 -37.79 -2.46 23.05
C LEU A 582 -38.16 -3.69 23.87
N LYS A 583 -37.48 -4.80 23.60
CA LYS A 583 -37.79 -6.07 24.24
C LYS A 583 -36.53 -6.66 24.86
N ASP A 584 -36.74 -7.69 25.68
CA ASP A 584 -35.62 -8.41 26.30
C ASP A 584 -35.00 -9.31 25.24
N THR A 585 -33.85 -8.87 24.71
CA THR A 585 -33.14 -9.63 23.69
C THR A 585 -31.87 -10.27 24.22
N GLY A 586 -31.69 -10.33 25.54
CA GLY A 586 -30.53 -10.95 26.13
C GLY A 586 -29.48 -9.92 26.52
N LYS A 587 -28.33 -10.45 26.94
CA LYS A 587 -27.26 -9.63 27.49
C LYS A 587 -26.45 -8.91 26.41
N ASP A 588 -26.47 -9.38 25.17
CA ASP A 588 -25.64 -8.77 24.13
C ASP A 588 -26.32 -7.53 23.54
N ALA A 589 -26.71 -6.58 24.39
CA ALA A 589 -27.40 -5.38 23.93
C ALA A 589 -27.26 -4.29 24.97
N VAL A 590 -27.62 -3.07 24.57
CA VAL A 590 -27.73 -1.94 25.49
C VAL A 590 -28.90 -1.08 25.04
N ASN A 591 -29.64 -0.56 26.02
CA ASN A 591 -30.79 0.31 25.78
C ASN A 591 -30.36 1.76 25.93
N CYS A 592 -30.80 2.61 25.00
CA CYS A 592 -30.38 4.01 24.99
C CYS A 592 -31.58 4.92 24.75
N THR A 593 -31.52 6.11 25.34
CA THR A 593 -32.50 7.16 25.07
C THR A 593 -31.78 8.49 24.93
N TYR A 594 -32.41 9.40 24.19
CA TYR A 594 -31.94 10.77 24.09
C TYR A 594 -33.12 11.64 23.63
N LYS A 595 -32.98 12.94 23.83
CA LYS A 595 -34.00 13.90 23.45
C LYS A 595 -33.64 14.54 22.11
N ASN A 596 -34.62 14.62 21.21
CA ASN A 596 -34.40 15.27 19.93
C ASN A 596 -34.60 16.77 20.07
N GLU A 597 -34.50 17.49 18.95
CA GLU A 597 -34.63 18.94 18.97
C GLU A 597 -36.05 19.41 19.21
N ASP A 598 -37.03 18.52 19.13
CA ASP A 598 -38.39 18.80 19.58
C ASP A 598 -38.58 18.48 21.06
N ASP A 599 -37.50 18.11 21.76
CA ASP A 599 -37.54 17.74 23.18
C ASP A 599 -38.45 16.54 23.43
N CYS A 600 -38.52 15.63 22.47
CA CYS A 600 -39.18 14.34 22.65
C CYS A 600 -38.11 13.25 22.80
N VAL A 601 -38.47 12.19 23.52
CA VAL A 601 -37.52 11.15 23.88
C VAL A 601 -37.44 10.12 22.76
N VAL A 602 -36.25 9.96 22.19
CA VAL A 602 -35.96 8.89 21.25
C VAL A 602 -35.41 7.71 22.04
N ARG A 603 -35.84 6.50 21.68
CA ARG A 603 -35.49 5.29 22.42
C ARG A 603 -35.04 4.22 21.43
N PHE A 604 -33.89 3.62 21.70
CA PHE A 604 -33.38 2.58 20.80
C PHE A 604 -32.52 1.59 21.56
N GLN A 605 -32.33 0.43 20.94
CA GLN A 605 -31.53 -0.65 21.49
C GLN A 605 -30.47 -1.06 20.48
N TYR A 606 -29.21 -1.01 20.91
CA TYR A 606 -28.10 -1.57 20.13
C TYR A 606 -27.96 -3.04 20.52
N TYR A 607 -28.11 -3.92 19.53
CA TYR A 607 -28.13 -5.35 19.75
C TYR A 607 -27.11 -6.01 18.83
N GLU A 608 -26.45 -7.06 19.33
CA GLU A 608 -25.54 -7.87 18.54
C GLU A 608 -26.21 -9.21 18.28
N ASP A 609 -26.40 -9.51 17.00
CA ASP A 609 -27.21 -10.63 16.53
C ASP A 609 -26.32 -11.84 16.24
N SER A 610 -26.89 -13.03 16.45
CA SER A 610 -26.11 -14.26 16.37
C SER A 610 -25.54 -14.52 14.99
N SER A 611 -26.10 -13.92 13.94
CA SER A 611 -25.55 -14.06 12.60
C SER A 611 -24.33 -13.17 12.37
N GLY A 612 -24.01 -12.28 13.31
CA GLY A 612 -22.88 -11.39 13.19
C GLY A 612 -23.22 -9.96 12.88
N LYS A 613 -24.50 -9.60 12.82
CA LYS A 613 -24.93 -8.26 12.46
C LYS A 613 -25.17 -7.42 13.70
N SER A 614 -24.65 -6.20 13.68
CA SER A 614 -25.06 -5.18 14.64
C SER A 614 -26.37 -4.58 14.18
N ILE A 615 -27.30 -4.39 15.12
CA ILE A 615 -28.63 -3.88 14.81
C ILE A 615 -28.99 -2.79 15.80
N LEU A 616 -29.64 -1.74 15.30
CA LEU A 616 -30.23 -0.69 16.13
C LEU A 616 -31.74 -0.80 16.00
N TYR A 617 -32.41 -1.22 17.06
CA TYR A 617 -33.87 -1.25 17.11
C TYR A 617 -34.35 0.10 17.63
N VAL A 618 -35.01 0.88 16.79
CA VAL A 618 -35.46 2.22 17.13
C VAL A 618 -36.97 2.22 17.28
N VAL A 619 -37.45 2.71 18.42
CA VAL A 619 -38.89 2.89 18.61
C VAL A 619 -39.40 3.88 17.58
N GLU A 620 -40.48 3.50 16.88
CA GLU A 620 -40.95 4.29 15.74
C GLU A 620 -41.35 5.70 16.16
N GLU A 621 -42.17 5.81 17.20
CA GLU A 621 -42.68 7.12 17.59
C GLU A 621 -41.96 7.62 18.83
N PRO A 622 -41.39 8.82 18.80
CA PRO A 622 -40.78 9.37 20.02
C PRO A 622 -41.83 9.68 21.06
N GLU A 623 -41.40 9.61 22.33
CA GLU A 623 -42.29 9.86 23.46
C GLU A 623 -42.31 11.36 23.73
N CYS A 624 -43.33 12.03 23.21
CA CYS A 624 -43.47 13.47 23.40
C CYS A 624 -44.34 13.78 24.61
N PRO A 625 -44.23 14.99 25.18
CA PRO A 625 -45.10 15.51 26.23
C PRO A 625 -46.58 15.21 26.00
#